data_2YR0
#
_entry.id   2YR0
#
_cell.length_a   36.901
_cell.length_b   43.556
_cell.length_c   84.761
_cell.angle_alpha   90.43
_cell.angle_beta   102.36
_cell.angle_gamma   97.05
#
_symmetry.space_group_name_H-M   'P 1'
#
loop_
_entity.id
_entity.type
_entity.pdbx_description
1 polymer 'Hypothetical protein TTHA0223'
2 water water
#
_entity_poly.entity_id   1
_entity_poly.type   'polypeptide(L)'
_entity_poly.pdbx_seq_one_letter_code
;(MSE)SSALLRAAYAYDRLRAHPPEVAGQIATA(MSE)ASAVHPKGEEPVFLELGVGTGRIALPLIARGYRYIALDADAA
(MSE)LEVFRQKIAGVDRKVQVVQADARAIPLPDESVHGVIVVHLWHLVPDWPKVLAEAIRVLKPGGALLEGWDQAEASP
EWTLQERWRAFAAEEGFPVERGLHAKRLKEVEEALRRLGLKPRTREVARWREERTPREALEALSERLYSFTQGLPEPVHA
RV(MSE)ERLWAWAEAELGDLDRPFPVEKRFLLRVSRLG
;
_entity_poly.pdbx_strand_id   A,B
#
# COMPACT_ATOMS: atom_id res chain seq x y z
N ALA A 17 8.84 -4.20 -18.21
CA ALA A 17 8.11 -4.62 -19.44
C ALA A 17 6.86 -3.77 -19.67
N HIS A 18 6.93 -2.91 -20.68
CA HIS A 18 5.81 -2.04 -21.01
C HIS A 18 4.81 -2.72 -21.94
N PRO A 19 3.51 -2.48 -21.72
CA PRO A 19 2.51 -3.11 -22.59
C PRO A 19 2.76 -2.61 -24.02
N PRO A 20 2.50 -3.45 -25.04
CA PRO A 20 2.70 -3.12 -26.45
C PRO A 20 2.34 -1.69 -26.85
N GLU A 21 1.12 -1.27 -26.52
CA GLU A 21 0.65 0.07 -26.87
C GLU A 21 1.48 1.17 -26.23
N VAL A 22 1.90 0.94 -25.00
CA VAL A 22 2.72 1.91 -24.27
C VAL A 22 4.14 2.00 -24.86
N ALA A 23 4.72 0.85 -25.17
CA ALA A 23 6.06 0.78 -25.75
C ALA A 23 6.04 1.53 -27.07
N GLY A 24 4.92 1.39 -27.78
CA GLY A 24 4.76 2.06 -29.06
C GLY A 24 4.65 3.56 -28.87
N GLN A 25 3.85 3.98 -27.89
CA GLN A 25 3.68 5.42 -27.62
C GLN A 25 5.00 6.10 -27.25
N ILE A 26 5.82 5.42 -26.44
CA ILE A 26 7.08 5.98 -26.00
C ILE A 26 8.04 6.12 -27.19
N ALA A 27 8.10 5.08 -28.00
CA ALA A 27 8.96 5.10 -29.18
C ALA A 27 8.53 6.26 -30.06
N THR A 28 7.23 6.37 -30.31
CA THR A 28 6.70 7.45 -31.15
C THR A 28 7.08 8.83 -30.63
N ALA A 29 6.98 9.05 -29.33
CA ALA A 29 7.33 10.35 -28.77
C ALA A 29 8.84 10.59 -28.95
N MSE A 30 9.62 9.53 -28.77
CA MSE A 30 11.06 9.66 -28.92
C MSE A 30 11.48 10.02 -30.35
O MSE A 30 12.32 10.91 -30.55
CB MSE A 30 11.76 8.39 -28.45
CG MSE A 30 12.12 8.41 -26.94
SE MSE A 30 12.84 6.76 -26.32
CE MSE A 30 12.87 7.08 -24.37
N ALA A 31 10.91 9.34 -31.33
CA ALA A 31 11.25 9.61 -32.73
C ALA A 31 10.75 10.99 -33.12
N SER A 32 9.65 11.43 -32.51
CA SER A 32 9.13 12.76 -32.81
C SER A 32 10.00 13.88 -32.27
N ALA A 33 10.78 13.61 -31.23
CA ALA A 33 11.65 14.64 -30.66
C ALA A 33 12.98 14.86 -31.42
N VAL A 34 13.29 13.96 -32.35
CA VAL A 34 14.52 14.10 -33.11
C VAL A 34 14.29 14.70 -34.48
N HIS A 35 15.06 15.76 -34.75
CA HIS A 35 15.01 16.51 -35.99
C HIS A 35 16.41 16.42 -36.60
N PRO A 36 16.65 15.41 -37.45
CA PRO A 36 17.93 15.16 -38.11
C PRO A 36 18.31 16.09 -39.27
N LYS A 37 17.48 17.11 -39.54
CA LYS A 37 17.76 18.07 -40.59
C LYS A 37 18.16 17.47 -41.94
N GLY A 38 17.30 16.61 -42.49
CA GLY A 38 17.58 15.99 -43.77
C GLY A 38 18.44 14.74 -43.76
N GLU A 39 19.14 14.50 -42.65
CA GLU A 39 20.00 13.33 -42.52
C GLU A 39 19.20 12.18 -41.87
N GLU A 40 19.64 10.94 -42.06
CA GLU A 40 18.95 9.82 -41.41
C GLU A 40 19.30 9.92 -39.93
N PRO A 41 18.30 9.92 -39.04
CA PRO A 41 18.53 10.02 -37.60
C PRO A 41 19.20 8.81 -36.97
N VAL A 42 20.04 9.08 -35.98
CA VAL A 42 20.70 8.00 -35.26
C VAL A 42 20.58 8.29 -33.79
N PHE A 43 20.13 7.29 -33.05
CA PHE A 43 20.00 7.39 -31.61
C PHE A 43 21.16 6.65 -30.96
N LEU A 44 21.54 7.13 -29.80
CA LEU A 44 22.55 6.48 -28.99
C LEU A 44 21.83 6.28 -27.66
N GLU A 45 21.84 5.06 -27.13
CA GLU A 45 21.24 4.88 -25.80
C GLU A 45 22.34 4.52 -24.80
N LEU A 46 22.38 5.29 -23.72
CA LEU A 46 23.36 5.06 -22.67
C LEU A 46 22.70 4.17 -21.64
N GLY A 47 23.25 2.98 -21.48
CA GLY A 47 22.68 2.03 -20.54
C GLY A 47 21.49 1.35 -21.19
N VAL A 48 21.70 0.80 -22.38
CA VAL A 48 20.63 0.11 -23.10
C VAL A 48 20.07 -1.09 -22.31
N GLY A 49 20.87 -1.67 -21.43
CA GLY A 49 20.41 -2.82 -20.67
C GLY A 49 20.03 -3.95 -21.62
N THR A 50 18.83 -4.49 -21.48
CA THR A 50 18.41 -5.58 -22.38
C THR A 50 17.67 -5.08 -23.61
N GLY A 51 17.51 -3.76 -23.73
CA GLY A 51 16.84 -3.20 -24.90
C GLY A 51 15.34 -2.97 -24.84
N ARG A 52 14.77 -2.90 -23.63
CA ARG A 52 13.33 -2.66 -23.48
C ARG A 52 12.95 -1.39 -24.23
N ILE A 53 13.77 -0.36 -24.10
CA ILE A 53 13.52 0.92 -24.77
C ILE A 53 13.94 0.88 -26.23
N ALA A 54 15.07 0.23 -26.47
CA ALA A 54 15.65 0.15 -27.82
C ALA A 54 14.82 -0.58 -28.89
N LEU A 55 14.35 -1.78 -28.57
CA LEU A 55 13.60 -2.60 -29.52
C LEU A 55 12.52 -1.90 -30.33
N PRO A 56 11.58 -1.23 -29.67
CA PRO A 56 10.52 -0.55 -30.42
C PRO A 56 11.03 0.45 -31.47
N LEU A 57 12.17 1.07 -31.21
CA LEU A 57 12.74 2.01 -32.16
C LEU A 57 13.50 1.27 -33.25
N ILE A 58 14.23 0.24 -32.84
CA ILE A 58 15.01 -0.59 -33.76
C ILE A 58 14.05 -1.28 -34.72
N ALA A 59 12.95 -1.78 -34.16
CA ALA A 59 11.93 -2.47 -34.96
C ALA A 59 11.38 -1.56 -36.04
N ARG A 60 11.40 -0.26 -35.80
CA ARG A 60 10.88 0.68 -36.79
C ARG A 60 11.90 1.17 -37.83
N GLY A 61 13.07 0.54 -37.88
CA GLY A 61 14.08 0.93 -38.86
C GLY A 61 15.07 2.02 -38.51
N TYR A 62 15.06 2.49 -37.27
CA TYR A 62 15.98 3.55 -36.85
C TYR A 62 17.41 3.11 -36.58
N ARG A 63 18.37 3.91 -37.03
CA ARG A 63 19.78 3.62 -36.79
C ARG A 63 19.94 3.74 -35.28
N TYR A 64 20.55 2.74 -34.66
CA TYR A 64 20.69 2.73 -33.21
C TYR A 64 22.07 2.30 -32.74
N ILE A 65 22.57 2.98 -31.71
CA ILE A 65 23.87 2.66 -31.13
C ILE A 65 23.54 2.35 -29.68
N ALA A 66 23.70 1.08 -29.32
CA ALA A 66 23.36 0.61 -27.97
C ALA A 66 24.60 0.48 -27.12
N LEU A 67 24.69 1.29 -26.08
CA LEU A 67 25.86 1.26 -25.20
C LEU A 67 25.55 0.76 -23.80
N ASP A 68 26.40 -0.12 -23.29
CA ASP A 68 26.23 -0.63 -21.94
C ASP A 68 27.56 -1.16 -21.44
N ALA A 69 27.86 -0.94 -20.17
CA ALA A 69 29.13 -1.42 -19.61
C ALA A 69 29.07 -2.88 -19.18
N ASP A 70 27.86 -3.42 -19.09
CA ASP A 70 27.63 -4.80 -18.67
C ASP A 70 27.61 -5.76 -19.85
N ALA A 71 28.63 -6.61 -19.97
CA ALA A 71 28.71 -7.57 -21.08
C ALA A 71 27.54 -8.57 -21.13
N ALA A 72 27.06 -8.97 -19.96
CA ALA A 72 25.94 -9.91 -19.86
C ALA A 72 24.66 -9.30 -20.41
N MSE A 73 24.54 -7.99 -20.26
CA MSE A 73 23.37 -7.28 -20.76
C MSE A 73 23.36 -7.26 -22.30
O MSE A 73 22.33 -7.55 -22.93
CB MSE A 73 23.36 -5.84 -20.23
CG MSE A 73 23.10 -5.74 -18.74
SE MSE A 73 21.28 -6.22 -18.30
CE MSE A 73 20.62 -4.48 -17.80
N LEU A 74 24.50 -6.93 -22.90
CA LEU A 74 24.61 -6.87 -24.34
C LEU A 74 24.36 -8.23 -24.98
N GLU A 75 24.78 -9.29 -24.29
CA GLU A 75 24.60 -10.66 -24.74
C GLU A 75 23.13 -10.92 -24.99
N VAL A 76 22.30 -10.57 -24.01
CA VAL A 76 20.86 -10.73 -24.11
C VAL A 76 20.31 -9.81 -25.19
N PHE A 77 20.80 -8.57 -25.21
CA PHE A 77 20.34 -7.60 -26.19
C PHE A 77 20.59 -8.10 -27.61
N ARG A 78 21.78 -8.63 -27.86
CA ARG A 78 22.12 -9.12 -29.19
C ARG A 78 21.15 -10.20 -29.64
N GLN A 79 20.66 -10.99 -28.68
CA GLN A 79 19.71 -12.06 -28.95
C GLN A 79 18.37 -11.50 -29.35
N LYS A 80 17.90 -10.51 -28.60
CA LYS A 80 16.60 -9.87 -28.84
C LYS A 80 16.46 -9.20 -30.22
N ILE A 81 17.52 -8.54 -30.66
CA ILE A 81 17.48 -7.84 -31.94
C ILE A 81 17.92 -8.71 -33.11
N ALA A 82 18.01 -10.01 -32.88
CA ALA A 82 18.41 -10.93 -33.94
C ALA A 82 17.38 -10.80 -35.07
N GLY A 83 17.87 -10.66 -36.30
CA GLY A 83 16.96 -10.53 -37.41
C GLY A 83 16.51 -9.11 -37.69
N VAL A 84 16.88 -8.19 -36.80
CA VAL A 84 16.53 -6.77 -36.97
C VAL A 84 17.70 -5.89 -36.51
N ASP A 85 18.91 -6.43 -36.58
CA ASP A 85 20.11 -5.72 -36.12
C ASP A 85 20.99 -5.15 -37.23
N ARG A 86 20.41 -5.02 -38.42
CA ARG A 86 21.14 -4.51 -39.56
C ARG A 86 21.68 -3.10 -39.33
N LYS A 87 20.91 -2.27 -38.64
CA LYS A 87 21.34 -0.88 -38.41
C LYS A 87 21.65 -0.58 -36.95
N VAL A 88 22.04 -1.61 -36.21
CA VAL A 88 22.35 -1.47 -34.80
C VAL A 88 23.84 -1.69 -34.52
N GLN A 89 24.42 -0.78 -33.75
CA GLN A 89 25.82 -0.91 -33.37
C GLN A 89 25.82 -1.14 -31.87
N VAL A 90 26.41 -2.25 -31.43
CA VAL A 90 26.49 -2.59 -30.01
C VAL A 90 27.83 -2.09 -29.50
N VAL A 91 27.81 -1.35 -28.40
CA VAL A 91 29.02 -0.79 -27.83
C VAL A 91 29.19 -1.12 -26.36
N GLN A 92 30.30 -1.75 -25.99
CA GLN A 92 30.52 -2.01 -24.56
C GLN A 92 31.45 -0.90 -24.08
N ALA A 93 30.95 -0.01 -23.22
CA ALA A 93 31.77 1.08 -22.69
C ALA A 93 31.08 1.76 -21.52
N ASP A 94 31.80 2.63 -20.82
CA ASP A 94 31.22 3.34 -19.70
C ASP A 94 30.64 4.64 -20.24
N ALA A 95 29.45 5.02 -19.77
CA ALA A 95 28.83 6.26 -20.23
C ALA A 95 29.79 7.44 -19.98
N ARG A 96 30.71 7.25 -19.05
CA ARG A 96 31.69 8.27 -18.71
C ARG A 96 32.63 8.64 -19.86
N ALA A 97 32.86 7.70 -20.77
CA ALA A 97 33.74 7.95 -21.90
C ALA A 97 33.17 7.28 -23.16
N ILE A 98 32.24 7.97 -23.81
CA ILE A 98 31.57 7.47 -25.01
C ILE A 98 32.55 7.41 -26.17
N PRO A 99 32.77 6.22 -26.76
CA PRO A 99 33.71 6.09 -27.88
C PRO A 99 33.05 6.49 -29.22
N LEU A 100 32.65 7.75 -29.29
CA LEU A 100 32.01 8.32 -30.46
C LEU A 100 32.56 9.73 -30.66
N PRO A 101 32.50 10.25 -31.90
CA PRO A 101 33.01 11.60 -32.19
C PRO A 101 32.09 12.69 -31.66
N ASP A 102 32.62 13.91 -31.57
CA ASP A 102 31.83 15.05 -31.12
C ASP A 102 30.77 15.25 -32.22
N GLU A 103 29.54 15.57 -31.83
CA GLU A 103 28.45 15.83 -32.77
C GLU A 103 28.27 14.72 -33.83
N SER A 104 27.95 13.51 -33.35
CA SER A 104 27.77 12.36 -34.24
C SER A 104 26.38 11.72 -34.17
N VAL A 105 25.58 12.09 -33.17
CA VAL A 105 24.23 11.54 -33.06
C VAL A 105 23.16 12.62 -32.90
N HIS A 106 21.93 12.28 -33.24
CA HIS A 106 20.79 13.20 -33.18
C HIS A 106 19.97 13.10 -31.90
N GLY A 107 20.06 11.95 -31.23
CA GLY A 107 19.35 11.76 -29.98
C GLY A 107 20.13 10.83 -29.07
N VAL A 108 20.22 11.18 -27.79
CA VAL A 108 20.92 10.36 -26.79
C VAL A 108 19.80 10.00 -25.82
N ILE A 109 19.51 8.71 -25.68
CA ILE A 109 18.46 8.22 -24.79
C ILE A 109 19.06 7.77 -23.46
N VAL A 110 18.46 8.24 -22.37
CA VAL A 110 18.94 7.94 -21.02
C VAL A 110 17.72 7.53 -20.16
N VAL A 111 17.56 6.24 -19.90
CA VAL A 111 16.44 5.77 -19.09
C VAL A 111 16.96 5.02 -17.89
N HIS A 112 16.70 5.58 -16.70
CA HIS A 112 17.13 5.00 -15.44
C HIS A 112 18.64 4.73 -15.37
N LEU A 113 19.43 5.79 -15.49
CA LEU A 113 20.88 5.67 -15.45
C LEU A 113 21.56 6.56 -14.39
N TRP A 114 21.14 7.82 -14.35
CA TRP A 114 21.70 8.81 -13.44
C TRP A 114 22.11 8.31 -12.06
N HIS A 115 21.22 7.61 -11.37
CA HIS A 115 21.51 7.10 -10.02
C HIS A 115 22.50 5.94 -9.99
N LEU A 116 22.75 5.34 -11.16
CA LEU A 116 23.68 4.22 -11.29
C LEU A 116 25.11 4.61 -11.60
N VAL A 117 25.30 5.85 -12.02
CA VAL A 117 26.63 6.33 -12.38
C VAL A 117 27.31 7.07 -11.21
N PRO A 118 28.64 6.99 -11.12
CA PRO A 118 29.39 7.66 -10.04
C PRO A 118 29.49 9.17 -10.28
N ASP A 119 29.77 9.56 -11.52
CA ASP A 119 29.88 10.97 -11.88
C ASP A 119 29.01 11.30 -13.08
N TRP A 120 27.75 11.66 -12.80
CA TRP A 120 26.80 12.01 -13.85
C TRP A 120 27.19 13.29 -14.58
N PRO A 121 27.79 14.27 -13.86
CA PRO A 121 28.17 15.49 -14.57
C PRO A 121 29.04 15.14 -15.77
N LYS A 122 29.82 14.07 -15.64
CA LYS A 122 30.69 13.63 -16.71
C LYS A 122 29.90 12.88 -17.79
N VAL A 123 28.91 12.12 -17.36
CA VAL A 123 28.08 11.39 -18.30
C VAL A 123 27.30 12.42 -19.12
N LEU A 124 26.67 13.38 -18.44
CA LEU A 124 25.90 14.43 -19.11
C LEU A 124 26.80 15.16 -20.10
N ALA A 125 27.99 15.50 -19.64
CA ALA A 125 28.96 16.20 -20.46
C ALA A 125 29.25 15.41 -21.73
N GLU A 126 29.43 14.10 -21.58
CA GLU A 126 29.70 13.25 -22.74
C GLU A 126 28.51 13.20 -23.68
N ALA A 127 27.32 13.11 -23.10
CA ALA A 127 26.08 13.07 -23.88
C ALA A 127 25.95 14.33 -24.72
N ILE A 128 26.20 15.48 -24.12
CA ILE A 128 26.09 16.75 -24.84
C ILE A 128 27.14 16.84 -25.93
N ARG A 129 28.33 16.33 -25.67
CA ARG A 129 29.44 16.37 -26.63
C ARG A 129 29.14 15.63 -27.94
N VAL A 130 28.54 14.44 -27.82
CA VAL A 130 28.23 13.63 -28.99
C VAL A 130 26.98 14.02 -29.75
N LEU A 131 26.21 14.96 -29.19
CA LEU A 131 24.99 15.40 -29.86
C LEU A 131 25.26 16.45 -30.93
N LYS A 132 24.58 16.30 -32.05
CA LYS A 132 24.69 17.23 -33.17
C LYS A 132 23.84 18.47 -32.89
N PRO A 133 24.09 19.56 -33.63
CA PRO A 133 23.33 20.81 -33.46
C PRO A 133 21.87 20.46 -33.74
N GLY A 134 20.96 20.94 -32.88
CA GLY A 134 19.56 20.62 -33.08
C GLY A 134 19.25 19.25 -32.53
N GLY A 135 20.25 18.57 -32.01
CA GLY A 135 20.04 17.24 -31.45
C GLY A 135 19.33 17.31 -30.12
N ALA A 136 18.79 16.20 -29.65
CA ALA A 136 18.06 16.23 -28.40
C ALA A 136 18.41 15.14 -27.41
N LEU A 137 18.51 15.54 -26.15
CA LEU A 137 18.76 14.58 -25.09
C LEU A 137 17.35 14.07 -24.76
N LEU A 138 17.21 12.75 -24.65
CA LEU A 138 15.90 12.17 -24.34
C LEU A 138 15.95 11.32 -23.06
N GLU A 139 15.46 11.88 -21.97
CA GLU A 139 15.45 11.15 -20.72
C GLU A 139 14.04 10.63 -20.51
N GLY A 140 13.91 9.41 -19.99
CA GLY A 140 12.58 8.84 -19.74
C GLY A 140 12.58 8.07 -18.43
N TRP A 141 11.42 7.95 -17.79
CA TRP A 141 11.38 7.18 -16.56
C TRP A 141 9.94 6.86 -16.21
N ASP A 142 9.75 5.74 -15.52
CA ASP A 142 8.43 5.29 -15.09
C ASP A 142 8.13 5.96 -13.76
N GLN A 143 6.84 6.15 -13.49
CA GLN A 143 6.36 6.76 -12.26
C GLN A 143 5.11 5.94 -11.92
N ALA A 144 5.10 5.31 -10.74
CA ALA A 144 3.95 4.51 -10.32
C ALA A 144 3.24 5.16 -9.13
N GLU A 145 1.91 5.04 -9.08
CA GLU A 145 1.15 5.63 -7.99
C GLU A 145 1.05 4.58 -6.87
N ALA A 146 0.65 5.02 -5.68
CA ALA A 146 0.54 4.14 -4.53
C ALA A 146 -0.30 2.91 -4.81
N SER A 147 0.11 1.79 -4.24
CA SER A 147 -0.58 0.51 -4.40
C SER A 147 0.03 -0.48 -3.40
N PRO A 148 -0.52 -1.69 -3.34
CA PRO A 148 0.06 -2.65 -2.39
C PRO A 148 1.56 -2.88 -2.69
N GLU A 149 1.97 -2.68 -3.94
CA GLU A 149 3.38 -2.86 -4.26
C GLU A 149 4.23 -1.83 -3.51
N TRP A 150 3.75 -0.58 -3.43
CA TRP A 150 4.46 0.47 -2.69
C TRP A 150 4.55 0.02 -1.23
N THR A 151 3.44 -0.51 -0.73
CA THR A 151 3.36 -1.01 0.64
C THR A 151 4.43 -2.08 0.89
N LEU A 152 4.57 -3.01 -0.05
CA LEU A 152 5.57 -4.06 0.12
C LEU A 152 7.00 -3.55 0.10
N GLN A 153 7.29 -2.62 -0.80
CA GLN A 153 8.63 -2.06 -0.88
C GLN A 153 8.98 -1.29 0.41
N GLU A 154 8.01 -0.56 0.95
CA GLU A 154 8.27 0.20 2.15
C GLU A 154 8.49 -0.79 3.29
N ARG A 155 7.73 -1.88 3.29
CA ARG A 155 7.90 -2.89 4.31
C ARG A 155 9.29 -3.51 4.17
N TRP A 156 9.73 -3.70 2.94
CA TRP A 156 11.04 -4.27 2.71
C TRP A 156 12.09 -3.35 3.36
N ARG A 157 11.96 -2.04 3.11
CA ARG A 157 12.89 -1.06 3.66
C ARG A 157 12.87 -1.06 5.18
N ALA A 158 11.67 -1.16 5.75
CA ALA A 158 11.56 -1.16 7.19
C ALA A 158 12.28 -2.37 7.75
N PHE A 159 12.05 -3.55 7.17
CA PHE A 159 12.70 -4.78 7.65
C PHE A 159 14.22 -4.70 7.52
N ALA A 160 14.70 -4.09 6.45
CA ALA A 160 16.13 -3.99 6.26
C ALA A 160 16.74 -3.13 7.41
N ALA A 161 16.05 -2.04 7.74
CA ALA A 161 16.52 -1.17 8.82
C ALA A 161 16.50 -1.95 10.12
N GLU A 162 15.53 -2.82 10.28
CA GLU A 162 15.43 -3.60 11.51
C GLU A 162 16.56 -4.62 11.65
N GLU A 163 17.14 -5.03 10.53
CA GLU A 163 18.28 -5.94 10.55
C GLU A 163 19.54 -5.11 10.82
N GLY A 164 19.42 -3.78 10.77
CA GLY A 164 20.56 -2.92 11.02
C GLY A 164 21.19 -2.49 9.72
N PHE A 165 20.42 -2.60 8.65
CA PHE A 165 20.90 -2.24 7.35
C PHE A 165 19.94 -1.28 6.62
N PRO A 166 19.64 -0.13 7.26
CA PRO A 166 18.75 0.87 6.66
C PRO A 166 19.23 1.21 5.27
N VAL A 167 18.30 1.41 4.34
CA VAL A 167 18.64 1.72 2.95
C VAL A 167 18.34 3.17 2.53
N GLU A 168 19.16 3.68 1.61
CA GLU A 168 18.99 5.03 1.08
C GLU A 168 17.68 5.13 0.32
N ARG A 169 17.07 6.30 0.38
CA ARG A 169 15.79 6.52 -0.27
C ARG A 169 15.88 7.49 -1.45
N GLY A 170 15.18 7.13 -2.54
CA GLY A 170 15.10 7.94 -3.74
C GLY A 170 16.24 8.79 -4.28
N LEU A 171 17.34 8.16 -4.67
CA LEU A 171 18.48 8.88 -5.21
C LEU A 171 18.22 9.32 -6.65
N HIS A 172 17.50 8.51 -7.42
CA HIS A 172 17.22 8.83 -8.81
C HIS A 172 16.53 10.19 -8.95
N ALA A 173 15.48 10.39 -8.16
CA ALA A 173 14.69 11.62 -8.16
C ALA A 173 15.57 12.85 -7.98
N LYS A 174 16.35 12.87 -6.91
CA LYS A 174 17.24 13.99 -6.63
C LYS A 174 18.21 14.17 -7.79
N ARG A 175 18.67 13.05 -8.32
CA ARG A 175 19.59 13.04 -9.44
C ARG A 175 18.93 13.67 -10.67
N LEU A 176 17.69 13.29 -10.93
CA LEU A 176 16.95 13.80 -12.06
C LEU A 176 16.78 15.32 -11.97
N LYS A 177 16.60 15.83 -10.74
CA LYS A 177 16.41 17.26 -10.51
C LYS A 177 17.68 18.06 -10.81
N GLU A 178 18.82 17.52 -10.39
CA GLU A 178 20.10 18.18 -10.61
C GLU A 178 20.50 18.22 -12.09
N VAL A 179 20.14 17.18 -12.84
CA VAL A 179 20.46 17.16 -14.27
C VAL A 179 19.65 18.26 -14.96
N GLU A 180 18.39 18.37 -14.55
CA GLU A 180 17.45 19.37 -15.07
C GLU A 180 18.02 20.79 -14.94
N GLU A 181 18.59 21.04 -13.77
CA GLU A 181 19.21 22.30 -13.41
C GLU A 181 20.29 22.60 -14.45
N ALA A 182 21.22 21.66 -14.59
CA ALA A 182 22.31 21.79 -15.55
C ALA A 182 21.80 22.10 -16.96
N LEU A 183 20.81 21.36 -17.43
CA LEU A 183 20.27 21.55 -18.78
C LEU A 183 19.78 22.97 -19.05
N ARG A 184 18.96 23.50 -18.16
CA ARG A 184 18.41 24.85 -18.30
C ARG A 184 19.57 25.85 -18.39
N ARG A 185 20.50 25.68 -17.45
CA ARG A 185 21.72 26.49 -17.34
C ARG A 185 22.51 26.46 -18.68
N LEU A 186 22.54 25.29 -19.32
CA LEU A 186 23.26 25.13 -20.58
C LEU A 186 22.45 25.64 -21.75
N GLY A 187 21.22 26.02 -21.48
CA GLY A 187 20.36 26.54 -22.52
C GLY A 187 19.63 25.50 -23.34
N LEU A 188 19.54 24.27 -22.83
CA LEU A 188 18.86 23.20 -23.55
C LEU A 188 17.34 23.12 -23.33
N LYS A 189 16.81 24.08 -22.56
CA LYS A 189 15.38 24.18 -22.30
C LYS A 189 14.63 22.84 -22.18
N PRO A 190 14.90 22.09 -21.10
CA PRO A 190 14.27 20.79 -20.84
C PRO A 190 12.75 20.87 -20.67
N ARG A 191 12.01 20.23 -21.56
CA ARG A 191 10.56 20.21 -21.48
C ARG A 191 10.12 18.79 -21.16
N THR A 192 9.39 18.64 -20.04
CA THR A 192 8.92 17.32 -19.62
C THR A 192 7.44 17.16 -19.93
N ARG A 193 7.10 15.98 -20.44
CA ARG A 193 5.75 15.65 -20.83
C ARG A 193 5.44 14.19 -20.50
N GLU A 194 4.16 13.91 -20.22
CA GLU A 194 3.70 12.56 -19.93
C GLU A 194 3.38 11.95 -21.29
N VAL A 195 4.09 10.89 -21.69
CA VAL A 195 3.81 10.33 -23.01
C VAL A 195 2.99 9.05 -22.98
N ALA A 196 2.73 8.54 -21.79
CA ALA A 196 1.90 7.35 -21.63
C ALA A 196 1.43 7.24 -20.18
N ARG A 197 0.23 6.72 -20.00
CA ARG A 197 -0.35 6.53 -18.68
C ARG A 197 -1.21 5.28 -18.80
N TRP A 198 -1.00 4.31 -17.92
CA TRP A 198 -1.76 3.07 -18.00
C TRP A 198 -1.88 2.39 -16.64
N ARG A 199 -2.64 1.30 -16.61
CA ARG A 199 -2.79 0.53 -15.37
C ARG A 199 -2.58 -0.92 -15.69
N GLU A 200 -1.76 -1.58 -14.90
CA GLU A 200 -1.51 -3.00 -15.11
C GLU A 200 -1.84 -3.77 -13.87
N GLU A 201 -1.90 -5.08 -14.01
CA GLU A 201 -2.16 -5.96 -12.87
C GLU A 201 -0.81 -6.39 -12.30
N ARG A 202 -0.78 -6.58 -10.99
CA ARG A 202 0.43 -7.00 -10.32
C ARG A 202 -0.04 -7.80 -9.12
N THR A 203 0.50 -8.99 -8.89
CA THR A 203 0.07 -9.75 -7.70
C THR A 203 1.12 -9.61 -6.59
N PRO A 204 0.75 -9.97 -5.36
CA PRO A 204 1.75 -9.84 -4.30
C PRO A 204 2.97 -10.72 -4.63
N ARG A 205 2.73 -11.90 -5.21
CA ARG A 205 3.82 -12.81 -5.55
C ARG A 205 4.82 -12.13 -6.47
N GLU A 206 4.33 -11.50 -7.53
CA GLU A 206 5.15 -10.80 -8.50
C GLU A 206 5.98 -9.66 -7.89
N ALA A 207 5.37 -8.83 -7.04
CA ALA A 207 6.10 -7.73 -6.43
C ALA A 207 7.16 -8.31 -5.50
N LEU A 208 6.81 -9.35 -4.74
CA LEU A 208 7.77 -10.00 -3.83
C LEU A 208 8.92 -10.62 -4.62
N GLU A 209 8.61 -11.21 -5.77
CA GLU A 209 9.66 -11.80 -6.60
C GLU A 209 10.63 -10.74 -7.09
N ALA A 210 10.09 -9.63 -7.59
CA ALA A 210 10.92 -8.53 -8.07
C ALA A 210 11.87 -8.13 -6.95
N LEU A 211 11.36 -8.12 -5.72
CA LEU A 211 12.19 -7.77 -4.57
C LEU A 211 13.25 -8.84 -4.34
N SER A 212 12.83 -10.11 -4.36
CA SER A 212 13.76 -11.24 -4.15
C SER A 212 14.89 -11.23 -5.16
N GLU A 213 14.56 -10.88 -6.41
CA GLU A 213 15.53 -10.84 -7.50
C GLU A 213 16.46 -9.64 -7.41
N ARG A 214 16.21 -8.76 -6.46
CA ARG A 214 17.02 -7.56 -6.29
C ARG A 214 17.04 -6.79 -7.61
N LEU A 215 15.86 -6.52 -8.17
CA LEU A 215 15.77 -5.79 -9.42
C LEU A 215 15.91 -4.28 -9.19
N TYR A 216 15.52 -3.83 -8.00
CA TYR A 216 15.59 -2.41 -7.65
C TYR A 216 16.91 -2.03 -6.99
N SER A 217 17.47 -0.90 -7.40
CA SER A 217 18.75 -0.46 -6.85
C SER A 217 18.74 -0.39 -5.32
N PHE A 218 17.63 0.05 -4.73
CA PHE A 218 17.57 0.14 -3.27
C PHE A 218 17.65 -1.20 -2.54
N THR A 219 17.63 -2.30 -3.28
CA THR A 219 17.73 -3.61 -2.66
C THR A 219 19.09 -4.25 -2.92
N GLN A 220 19.88 -3.62 -3.77
CA GLN A 220 21.18 -4.17 -4.17
C GLN A 220 22.40 -3.82 -3.32
N GLY A 221 22.22 -3.06 -2.25
CA GLY A 221 23.35 -2.68 -1.42
C GLY A 221 23.59 -3.59 -0.23
N LEU A 222 22.52 -4.19 0.29
CA LEU A 222 22.65 -5.10 1.41
C LEU A 222 23.42 -6.35 1.06
N PRO A 223 24.19 -6.87 2.02
CA PRO A 223 24.95 -8.10 1.76
C PRO A 223 23.89 -9.16 1.46
N GLU A 224 24.21 -10.11 0.59
CA GLU A 224 23.28 -11.17 0.20
C GLU A 224 22.54 -11.86 1.36
N PRO A 225 23.27 -12.26 2.42
CA PRO A 225 22.57 -12.91 3.52
C PRO A 225 21.56 -12.04 4.27
N VAL A 226 21.76 -10.72 4.27
CA VAL A 226 20.84 -9.83 4.98
C VAL A 226 19.55 -9.76 4.16
N HIS A 227 19.72 -9.60 2.86
CA HIS A 227 18.55 -9.56 1.97
C HIS A 227 17.74 -10.86 2.13
N ALA A 228 18.43 -12.00 2.21
CA ALA A 228 17.74 -13.27 2.37
C ALA A 228 16.86 -13.25 3.62
N ARG A 229 17.42 -12.76 4.73
CA ARG A 229 16.65 -12.69 5.97
C ARG A 229 15.46 -11.73 5.86
N VAL A 230 15.65 -10.62 5.18
CA VAL A 230 14.58 -9.64 5.02
C VAL A 230 13.44 -10.27 4.20
N MSE A 231 13.81 -10.94 3.11
CA MSE A 231 12.81 -11.60 2.26
C MSE A 231 12.00 -12.65 3.00
O MSE A 231 10.79 -12.75 2.82
CB MSE A 231 13.48 -12.28 1.06
CG MSE A 231 14.03 -11.35 0.04
SE MSE A 231 12.82 -9.95 -0.53
CE MSE A 231 11.39 -10.97 -1.38
N GLU A 232 12.68 -13.46 3.83
CA GLU A 232 11.99 -14.49 4.59
C GLU A 232 10.92 -13.83 5.44
N ARG A 233 11.31 -12.75 6.11
CA ARG A 233 10.37 -12.05 6.94
C ARG A 233 9.26 -11.41 6.11
N LEU A 234 9.62 -10.80 4.99
CA LEU A 234 8.62 -10.15 4.15
C LEU A 234 7.59 -11.14 3.58
N TRP A 235 8.08 -12.28 3.13
CA TRP A 235 7.19 -13.31 2.59
C TRP A 235 6.15 -13.73 3.62
N ALA A 236 6.57 -13.82 4.88
CA ALA A 236 5.68 -14.23 5.96
C ALA A 236 4.70 -13.12 6.28
N TRP A 237 5.17 -11.88 6.24
CA TRP A 237 4.32 -10.75 6.52
C TRP A 237 3.27 -10.63 5.41
N ALA A 238 3.66 -10.88 4.16
CA ALA A 238 2.72 -10.76 3.04
C ALA A 238 1.63 -11.83 3.09
N GLU A 239 2.01 -13.03 3.53
CA GLU A 239 1.09 -14.13 3.66
C GLU A 239 0.08 -13.79 4.74
N ALA A 240 0.53 -13.06 5.76
CA ALA A 240 -0.35 -12.67 6.86
C ALA A 240 -1.20 -11.43 6.60
N GLU A 241 -0.69 -10.51 5.81
CA GLU A 241 -1.40 -9.25 5.56
C GLU A 241 -1.91 -8.94 4.15
N LEU A 242 -1.52 -9.70 3.13
CA LEU A 242 -1.97 -9.40 1.76
C LEU A 242 -2.97 -10.34 1.11
N GLY A 243 -3.52 -11.28 1.88
CA GLY A 243 -4.48 -12.20 1.28
C GLY A 243 -3.88 -13.06 0.18
N ASP A 244 -4.72 -13.55 -0.72
CA ASP A 244 -4.24 -14.39 -1.81
C ASP A 244 -3.07 -13.72 -2.53
N LEU A 245 -1.87 -14.28 -2.37
CA LEU A 245 -0.68 -13.72 -3.01
C LEU A 245 -0.71 -13.82 -4.53
N ASP A 246 -1.71 -14.50 -5.09
CA ASP A 246 -1.83 -14.62 -6.54
C ASP A 246 -2.98 -13.80 -7.09
N ARG A 247 -3.62 -13.07 -6.19
CA ARG A 247 -4.74 -12.20 -6.54
C ARG A 247 -4.15 -10.87 -6.97
N PRO A 248 -4.51 -10.41 -8.17
CA PRO A 248 -4.01 -9.14 -8.70
C PRO A 248 -4.61 -7.85 -8.11
N PHE A 249 -3.78 -6.82 -7.99
CA PHE A 249 -4.21 -5.51 -7.54
C PHE A 249 -3.78 -4.58 -8.67
N PRO A 250 -4.37 -3.37 -8.73
CA PRO A 250 -3.95 -2.49 -9.82
C PRO A 250 -2.72 -1.65 -9.48
N VAL A 251 -1.94 -1.34 -10.50
CA VAL A 251 -0.79 -0.46 -10.32
C VAL A 251 -0.86 0.53 -11.46
N GLU A 252 -1.10 1.79 -11.12
CA GLU A 252 -1.19 2.89 -12.10
C GLU A 252 0.21 3.44 -12.30
N LYS A 253 0.59 3.60 -13.55
CA LYS A 253 1.90 4.09 -13.91
C LYS A 253 1.82 5.13 -15.02
N ARG A 254 2.87 5.90 -15.20
CA ARG A 254 2.90 6.86 -16.29
C ARG A 254 4.35 6.89 -16.73
N PHE A 255 4.59 7.27 -17.97
CA PHE A 255 5.97 7.36 -18.42
C PHE A 255 6.22 8.80 -18.84
N LEU A 256 7.27 9.38 -18.25
CA LEU A 256 7.64 10.76 -18.51
C LEU A 256 8.81 10.85 -19.48
N LEU A 257 8.74 11.79 -20.42
CA LEU A 257 9.81 11.99 -21.39
C LEU A 257 10.29 13.43 -21.29
N ARG A 258 11.54 13.64 -20.89
CA ARG A 258 12.08 14.99 -20.78
C ARG A 258 13.07 15.22 -21.90
N VAL A 259 12.71 16.15 -22.79
CA VAL A 259 13.50 16.48 -23.95
C VAL A 259 14.26 17.78 -23.85
N SER A 260 15.57 17.72 -24.00
CA SER A 260 16.45 18.90 -23.96
C SER A 260 17.06 18.98 -25.36
N ARG A 261 17.04 20.18 -25.93
CA ARG A 261 17.51 20.43 -27.28
C ARG A 261 18.70 21.37 -27.43
N LEU A 262 19.62 21.04 -28.34
CA LEU A 262 20.76 21.92 -28.60
C LEU A 262 20.36 22.94 -29.67
N ALA B 17 -17.75 2.85 9.63
CA ALA B 17 -19.04 2.95 8.86
C ALA B 17 -19.05 1.97 7.69
N HIS B 18 -19.82 0.90 7.82
CA HIS B 18 -19.89 -0.11 6.77
C HIS B 18 -20.89 0.28 5.67
N PRO B 19 -20.62 -0.12 4.41
CA PRO B 19 -21.56 0.20 3.35
C PRO B 19 -22.87 -0.47 3.77
N PRO B 20 -24.04 0.05 3.34
CA PRO B 20 -25.37 -0.48 3.66
C PRO B 20 -25.56 -1.98 3.50
N GLU B 21 -25.17 -2.51 2.33
CA GLU B 21 -25.31 -3.94 2.08
C GLU B 21 -24.48 -4.77 3.08
N VAL B 22 -23.26 -4.30 3.37
CA VAL B 22 -22.37 -4.98 4.31
C VAL B 22 -23.03 -5.01 5.69
N ALA B 23 -23.60 -3.89 6.11
CA ALA B 23 -24.26 -3.83 7.40
C ALA B 23 -25.42 -4.83 7.42
N GLY B 24 -26.10 -4.93 6.29
CA GLY B 24 -27.21 -5.85 6.18
C GLY B 24 -26.75 -7.30 6.31
N GLN B 25 -25.68 -7.64 5.60
CA GLN B 25 -25.12 -9.00 5.66
C GLN B 25 -24.64 -9.35 7.08
N ILE B 26 -24.07 -8.39 7.78
CA ILE B 26 -23.59 -8.66 9.15
C ILE B 26 -24.76 -8.92 10.10
N ALA B 27 -25.74 -8.03 10.07
CA ALA B 27 -26.93 -8.20 10.93
C ALA B 27 -27.67 -9.51 10.62
N THR B 28 -27.71 -9.90 9.35
CA THR B 28 -28.37 -11.16 8.98
C THR B 28 -27.59 -12.36 9.53
N ALA B 29 -26.26 -12.33 9.44
CA ALA B 29 -25.47 -13.43 9.96
C ALA B 29 -25.63 -13.52 11.48
N MSE B 30 -25.68 -12.36 12.13
CA MSE B 30 -25.84 -12.33 13.57
C MSE B 30 -27.22 -12.85 13.98
O MSE B 30 -27.34 -13.62 14.94
CB MSE B 30 -25.64 -10.91 14.09
CG MSE B 30 -24.20 -10.40 14.06
SE MSE B 30 -24.00 -8.65 14.93
CE MSE B 30 -22.08 -8.45 14.61
N ALA B 31 -28.24 -12.42 13.27
CA ALA B 31 -29.60 -12.84 13.60
C ALA B 31 -29.74 -14.34 13.45
N SER B 32 -29.08 -14.91 12.43
CA SER B 32 -29.13 -16.34 12.18
C SER B 32 -28.48 -17.22 13.22
N ALA B 33 -27.54 -16.68 13.98
CA ALA B 33 -26.84 -17.48 14.98
C ALA B 33 -27.60 -17.66 16.29
N VAL B 34 -28.64 -16.87 16.51
CA VAL B 34 -29.39 -16.97 17.77
C VAL B 34 -30.45 -18.05 17.73
N HIS B 35 -30.49 -18.88 18.79
CA HIS B 35 -31.45 -19.99 18.95
C HIS B 35 -32.29 -19.63 20.20
N PRO B 36 -33.38 -18.86 20.03
CA PRO B 36 -34.18 -18.47 21.19
C PRO B 36 -35.26 -19.45 21.65
N LYS B 37 -35.24 -20.67 21.12
CA LYS B 37 -36.22 -21.70 21.52
C LYS B 37 -37.64 -21.16 21.56
N GLY B 38 -38.02 -20.36 20.56
CA GLY B 38 -39.37 -19.83 20.55
C GLY B 38 -39.66 -18.53 21.30
N GLU B 39 -38.74 -18.09 22.15
CA GLU B 39 -38.94 -16.84 22.88
C GLU B 39 -38.60 -15.69 21.96
N GLU B 40 -38.99 -14.48 22.31
CA GLU B 40 -38.63 -13.34 21.48
C GLU B 40 -37.10 -13.12 21.63
N PRO B 41 -36.33 -13.19 20.53
CA PRO B 41 -34.89 -12.97 20.70
C PRO B 41 -34.45 -11.61 21.23
N VAL B 42 -33.57 -11.65 22.22
CA VAL B 42 -33.04 -10.44 22.79
C VAL B 42 -31.51 -10.44 22.69
N PHE B 43 -30.98 -9.34 22.21
CA PHE B 43 -29.54 -9.15 22.06
C PHE B 43 -29.02 -8.17 23.12
N LEU B 44 -27.82 -8.43 23.62
CA LEU B 44 -27.15 -7.50 24.50
C LEU B 44 -25.87 -7.18 23.72
N GLU B 45 -25.53 -5.90 23.54
CA GLU B 45 -24.26 -5.57 22.89
C GLU B 45 -23.40 -4.88 23.94
N LEU B 46 -22.17 -5.35 24.09
CA LEU B 46 -21.24 -4.78 25.04
C LEU B 46 -20.37 -3.81 24.24
N GLY B 47 -20.45 -2.52 24.57
CA GLY B 47 -19.66 -1.53 23.86
C GLY B 47 -20.33 -1.13 22.57
N VAL B 48 -21.60 -0.77 22.68
CA VAL B 48 -22.41 -0.38 21.54
C VAL B 48 -21.88 0.84 20.79
N GLY B 49 -21.07 1.66 21.45
CA GLY B 49 -20.52 2.84 20.77
C GLY B 49 -21.65 3.73 20.25
N THR B 50 -21.56 4.15 18.99
CA THR B 50 -22.61 4.99 18.44
C THR B 50 -23.71 4.17 17.78
N GLY B 51 -23.59 2.85 17.87
CA GLY B 51 -24.61 1.98 17.30
C GLY B 51 -24.43 1.50 15.89
N ARG B 52 -23.19 1.49 15.38
CA ARG B 52 -22.90 1.05 14.02
C ARG B 52 -23.43 -0.35 13.75
N ILE B 53 -23.21 -1.26 14.69
CA ILE B 53 -23.65 -2.65 14.58
C ILE B 53 -25.09 -2.82 15.06
N ALA B 54 -25.47 -2.05 16.08
CA ALA B 54 -26.81 -2.10 16.66
C ALA B 54 -27.95 -1.71 15.74
N LEU B 55 -27.82 -0.54 15.11
CA LEU B 55 -28.87 -0.01 14.23
C LEU B 55 -29.48 -1.00 13.23
N PRO B 56 -28.67 -1.75 12.48
CA PRO B 56 -29.19 -2.72 11.51
C PRO B 56 -30.13 -3.78 12.13
N LEU B 57 -29.80 -4.23 13.32
CA LEU B 57 -30.63 -5.22 14.00
C LEU B 57 -31.88 -4.58 14.59
N ILE B 58 -31.71 -3.44 15.25
CA ILE B 58 -32.84 -2.73 15.86
C ILE B 58 -33.89 -2.41 14.80
N ALA B 59 -33.42 -1.94 13.64
CA ALA B 59 -34.31 -1.60 12.54
C ALA B 59 -35.21 -2.77 12.19
N ARG B 60 -34.68 -3.98 12.32
CA ARG B 60 -35.43 -5.18 11.98
C ARG B 60 -36.38 -5.67 13.05
N GLY B 61 -36.53 -4.90 14.13
CA GLY B 61 -37.46 -5.27 15.18
C GLY B 61 -36.95 -6.12 16.35
N TYR B 62 -35.65 -6.38 16.41
CA TYR B 62 -35.09 -7.17 17.49
C TYR B 62 -35.04 -6.38 18.79
N ARG B 63 -35.33 -7.03 19.92
CA ARG B 63 -35.22 -6.34 21.20
C ARG B 63 -33.70 -6.21 21.33
N TYR B 64 -33.24 -5.06 21.82
CA TYR B 64 -31.81 -4.81 21.92
C TYR B 64 -31.45 -4.12 23.23
N ILE B 65 -30.42 -4.62 23.90
CA ILE B 65 -29.95 -3.98 25.13
C ILE B 65 -28.58 -3.45 24.74
N ALA B 66 -28.45 -2.13 24.65
CA ALA B 66 -27.18 -1.50 24.25
C ALA B 66 -26.43 -0.98 25.46
N LEU B 67 -25.26 -1.55 25.70
CA LEU B 67 -24.46 -1.15 26.84
C LEU B 67 -23.17 -0.42 26.44
N ASP B 68 -22.84 0.62 27.19
CA ASP B 68 -21.61 1.37 26.95
C ASP B 68 -21.26 2.14 28.21
N ALA B 69 -19.98 2.33 28.46
CA ALA B 69 -19.56 3.07 29.65
C ALA B 69 -19.54 4.57 29.39
N ASP B 70 -19.38 4.94 28.12
CA ASP B 70 -19.29 6.34 27.75
C ASP B 70 -20.61 7.03 27.48
N ALA B 71 -20.95 8.00 28.33
CA ALA B 71 -22.20 8.76 28.21
C ALA B 71 -22.36 9.51 26.89
N ALA B 72 -21.26 10.05 26.37
CA ALA B 72 -21.30 10.79 25.11
C ALA B 72 -21.74 9.88 23.97
N MSE B 73 -21.15 8.69 23.93
CA MSE B 73 -21.43 7.70 22.91
C MSE B 73 -22.90 7.32 22.97
O MSE B 73 -23.58 7.20 21.95
CB MSE B 73 -20.60 6.43 23.15
CG MSE B 73 -19.11 6.62 22.99
SE MSE B 73 -18.56 6.43 21.15
CE MSE B 73 -17.64 4.76 21.33
N LEU B 74 -23.40 7.15 24.19
CA LEU B 74 -24.79 6.79 24.37
C LEU B 74 -25.72 7.91 23.98
N GLU B 75 -25.25 9.15 24.13
CA GLU B 75 -26.08 10.29 23.74
C GLU B 75 -26.27 10.25 22.23
N VAL B 76 -25.19 10.02 21.49
CA VAL B 76 -25.27 9.92 20.03
C VAL B 76 -26.15 8.74 19.63
N PHE B 77 -25.94 7.61 20.30
CA PHE B 77 -26.74 6.42 20.01
C PHE B 77 -28.21 6.76 20.09
N ARG B 78 -28.64 7.25 21.27
CA ARG B 78 -30.04 7.60 21.50
C ARG B 78 -30.62 8.46 20.38
N GLN B 79 -29.78 9.31 19.80
CA GLN B 79 -30.22 10.18 18.72
C GLN B 79 -30.43 9.39 17.44
N LYS B 80 -29.52 8.45 17.18
CA LYS B 80 -29.58 7.63 15.98
C LYS B 80 -30.80 6.71 15.93
N ILE B 81 -31.22 6.20 17.08
CA ILE B 81 -32.38 5.30 17.11
C ILE B 81 -33.71 6.01 17.33
N ALA B 82 -33.70 7.33 17.20
CA ALA B 82 -34.92 8.11 17.37
C ALA B 82 -35.98 7.59 16.40
N GLY B 83 -37.18 7.35 16.91
CA GLY B 83 -38.25 6.84 16.05
C GLY B 83 -38.29 5.33 15.86
N VAL B 84 -37.34 4.62 16.47
CA VAL B 84 -37.29 3.16 16.35
C VAL B 84 -36.70 2.53 17.62
N ASP B 85 -36.76 3.26 18.72
CA ASP B 85 -36.21 2.77 19.98
C ASP B 85 -37.21 2.05 20.89
N ARG B 86 -38.37 1.70 20.34
CA ARG B 86 -39.41 1.03 21.10
C ARG B 86 -38.96 -0.25 21.80
N LYS B 87 -38.14 -1.05 21.12
CA LYS B 87 -37.66 -2.32 21.66
C LYS B 87 -36.20 -2.23 22.13
N VAL B 88 -35.73 -1.03 22.44
CA VAL B 88 -34.34 -0.84 22.84
C VAL B 88 -34.12 -0.36 24.27
N GLN B 89 -33.20 -1.01 24.98
CA GLN B 89 -32.88 -0.62 26.34
C GLN B 89 -31.44 -0.07 26.36
N VAL B 90 -31.28 1.21 26.66
CA VAL B 90 -29.95 1.82 26.72
C VAL B 90 -29.39 1.66 28.12
N VAL B 91 -28.14 1.20 28.22
CA VAL B 91 -27.53 0.98 29.50
C VAL B 91 -26.13 1.57 29.60
N GLN B 92 -25.93 2.41 30.60
CA GLN B 92 -24.62 2.99 30.83
C GLN B 92 -24.08 2.18 32.00
N ALA B 93 -23.06 1.37 31.73
CA ALA B 93 -22.49 0.50 32.74
C ALA B 93 -21.20 -0.10 32.19
N ASP B 94 -20.45 -0.76 33.07
CA ASP B 94 -19.19 -1.38 32.68
C ASP B 94 -19.47 -2.83 32.27
N ALA B 95 -18.81 -3.32 31.22
CA ALA B 95 -19.02 -4.68 30.76
C ALA B 95 -18.57 -5.70 31.80
N ARG B 96 -17.73 -5.27 32.75
CA ARG B 96 -17.24 -6.15 33.80
C ARG B 96 -18.34 -6.42 34.81
N ALA B 97 -19.42 -5.65 34.74
CA ALA B 97 -20.54 -5.82 35.66
C ALA B 97 -21.87 -5.47 35.00
N ILE B 98 -22.35 -6.35 34.11
CA ILE B 98 -23.60 -6.15 33.39
C ILE B 98 -24.77 -6.17 34.40
N PRO B 99 -25.65 -5.15 34.40
CA PRO B 99 -26.76 -5.16 35.36
C PRO B 99 -27.98 -5.88 34.76
N LEU B 100 -27.83 -7.19 34.54
CA LEU B 100 -28.88 -8.01 33.97
C LEU B 100 -28.86 -9.30 34.74
N PRO B 101 -29.96 -10.04 34.72
CA PRO B 101 -30.07 -11.31 35.43
C PRO B 101 -29.28 -12.41 34.73
N ASP B 102 -28.97 -13.47 35.47
CA ASP B 102 -28.29 -14.62 34.89
C ASP B 102 -29.26 -15.14 33.83
N GLU B 103 -28.73 -15.74 32.77
CA GLU B 103 -29.56 -16.32 31.72
C GLU B 103 -30.72 -15.46 31.27
N SER B 104 -30.44 -14.27 30.77
CA SER B 104 -31.51 -13.39 30.34
C SER B 104 -31.55 -13.03 28.87
N VAL B 105 -30.46 -13.27 28.14
CA VAL B 105 -30.41 -12.91 26.73
C VAL B 105 -29.99 -14.08 25.86
N HIS B 106 -30.34 -14.01 24.58
CA HIS B 106 -30.04 -15.09 23.64
C HIS B 106 -28.73 -14.85 22.89
N GLY B 107 -28.31 -13.59 22.85
CA GLY B 107 -27.06 -13.27 22.19
C GLY B 107 -26.34 -12.07 22.79
N VAL B 108 -25.03 -12.19 22.85
CA VAL B 108 -24.18 -11.12 23.35
C VAL B 108 -23.21 -10.73 22.21
N ILE B 109 -23.36 -9.49 21.76
CA ILE B 109 -22.55 -8.94 20.67
C ILE B 109 -21.35 -8.16 21.17
N VAL B 110 -20.17 -8.55 20.70
CA VAL B 110 -18.91 -7.89 21.07
C VAL B 110 -18.15 -7.59 19.77
N VAL B 111 -18.08 -6.31 19.42
CA VAL B 111 -17.39 -5.88 18.21
C VAL B 111 -16.32 -4.84 18.56
N HIS B 112 -15.05 -5.19 18.38
CA HIS B 112 -13.93 -4.28 18.65
C HIS B 112 -13.95 -3.79 20.11
N LEU B 113 -13.83 -4.73 21.04
CA LEU B 113 -13.84 -4.39 22.45
C LEU B 113 -12.65 -4.92 23.24
N TRP B 114 -12.25 -6.15 22.93
CA TRP B 114 -11.16 -6.82 23.62
C TRP B 114 -9.87 -6.02 23.67
N HIS B 115 -9.49 -5.39 22.55
CA HIS B 115 -8.26 -4.60 22.53
C HIS B 115 -8.35 -3.37 23.43
N LEU B 116 -9.55 -3.14 23.97
CA LEU B 116 -9.79 -2.02 24.87
C LEU B 116 -10.01 -2.55 26.27
N VAL B 117 -9.97 -3.87 26.41
CA VAL B 117 -10.16 -4.51 27.70
C VAL B 117 -9.08 -5.54 28.01
N PRO B 118 -8.04 -5.13 28.76
CA PRO B 118 -6.94 -6.03 29.13
C PRO B 118 -7.45 -7.13 30.07
N ASP B 119 -8.44 -6.78 30.89
CA ASP B 119 -9.06 -7.71 31.83
C ASP B 119 -10.34 -8.30 31.23
N TRP B 120 -10.22 -8.77 30.00
CA TRP B 120 -11.34 -9.37 29.29
C TRP B 120 -11.90 -10.64 29.94
N PRO B 121 -11.10 -11.39 30.72
CA PRO B 121 -11.65 -12.62 31.34
C PRO B 121 -12.93 -12.37 32.14
N LYS B 122 -12.97 -11.26 32.87
CA LYS B 122 -14.13 -10.91 33.68
C LYS B 122 -15.33 -10.47 32.81
N VAL B 123 -15.06 -9.87 31.67
CA VAL B 123 -16.13 -9.43 30.79
C VAL B 123 -16.67 -10.71 30.16
N LEU B 124 -15.76 -11.58 29.72
CA LEU B 124 -16.17 -12.84 29.14
C LEU B 124 -17.06 -13.60 30.14
N ALA B 125 -16.65 -13.62 31.41
CA ALA B 125 -17.44 -14.32 32.42
C ALA B 125 -18.82 -13.69 32.59
N GLU B 126 -18.92 -12.37 32.41
CA GLU B 126 -20.22 -11.71 32.52
C GLU B 126 -21.09 -12.04 31.32
N ALA B 127 -20.48 -12.10 30.14
CA ALA B 127 -21.25 -12.39 28.93
C ALA B 127 -21.88 -13.78 28.99
N ILE B 128 -21.14 -14.76 29.50
CA ILE B 128 -21.65 -16.12 29.59
C ILE B 128 -22.68 -16.22 30.71
N ARG B 129 -22.51 -15.43 31.76
CA ARG B 129 -23.48 -15.49 32.86
C ARG B 129 -24.87 -15.04 32.41
N VAL B 130 -24.93 -14.02 31.56
CA VAL B 130 -26.22 -13.49 31.14
C VAL B 130 -26.88 -14.25 30.01
N LEU B 131 -26.11 -15.10 29.33
CA LEU B 131 -26.63 -15.88 28.21
C LEU B 131 -27.49 -17.08 28.64
N LYS B 132 -28.63 -17.26 27.98
CA LYS B 132 -29.51 -18.39 28.24
C LYS B 132 -28.92 -19.64 27.57
N PRO B 133 -29.37 -20.85 27.96
CA PRO B 133 -28.84 -22.06 27.32
C PRO B 133 -29.23 -21.94 25.84
N GLY B 134 -28.29 -22.28 24.96
CA GLY B 134 -28.56 -22.16 23.54
C GLY B 134 -28.12 -20.77 23.13
N GLY B 135 -27.70 -19.98 24.12
CA GLY B 135 -27.26 -18.62 23.89
C GLY B 135 -25.94 -18.57 23.13
N ALA B 136 -25.77 -17.51 22.33
CA ALA B 136 -24.55 -17.38 21.54
C ALA B 136 -23.75 -16.08 21.78
N LEU B 137 -22.42 -16.20 21.82
CA LEU B 137 -21.54 -15.03 21.94
C LEU B 137 -21.24 -14.75 20.48
N LEU B 138 -21.48 -13.51 20.07
CA LEU B 138 -21.27 -13.06 18.70
C LEU B 138 -20.17 -12.02 18.56
N GLU B 139 -18.97 -12.45 18.22
CA GLU B 139 -17.88 -11.51 18.06
C GLU B 139 -17.68 -11.15 16.61
N GLY B 140 -17.59 -9.86 16.33
CA GLY B 140 -17.39 -9.44 14.96
C GLY B 140 -16.23 -8.46 14.88
N TRP B 141 -15.48 -8.52 13.78
CA TRP B 141 -14.39 -7.59 13.61
C TRP B 141 -14.08 -7.37 12.14
N ASP B 142 -13.60 -6.17 11.85
CA ASP B 142 -13.19 -5.75 10.52
C ASP B 142 -11.77 -6.23 10.33
N GLN B 143 -11.41 -6.49 9.08
CA GLN B 143 -10.07 -6.94 8.76
C GLN B 143 -9.81 -6.35 7.38
N ALA B 144 -8.65 -5.72 7.20
CA ALA B 144 -8.31 -5.13 5.91
C ALA B 144 -6.95 -5.61 5.44
N GLU B 145 -6.87 -5.92 4.15
CA GLU B 145 -5.60 -6.33 3.55
C GLU B 145 -4.68 -5.11 3.63
N ALA B 146 -3.39 -5.31 3.83
CA ALA B 146 -2.46 -4.17 3.92
C ALA B 146 -2.54 -3.34 2.65
N SER B 147 -2.50 -2.03 2.83
CA SER B 147 -2.60 -1.08 1.72
C SER B 147 -1.80 0.14 2.09
N PRO B 148 -1.81 1.17 1.22
CA PRO B 148 -1.08 2.40 1.51
C PRO B 148 -1.53 2.98 2.85
N GLU B 149 -2.79 2.77 3.22
CA GLU B 149 -3.27 3.30 4.49
C GLU B 149 -2.50 2.62 5.63
N TRP B 150 -2.37 1.30 5.58
CA TRP B 150 -1.62 0.55 6.62
C TRP B 150 -0.18 1.07 6.74
N THR B 151 0.43 1.32 5.58
CA THR B 151 1.80 1.81 5.56
C THR B 151 1.93 3.13 6.33
N LEU B 152 0.98 4.05 6.10
CA LEU B 152 1.01 5.34 6.80
C LEU B 152 0.84 5.14 8.32
N GLN B 153 -0.02 4.20 8.69
CA GLN B 153 -0.25 3.93 10.13
C GLN B 153 1.00 3.32 10.75
N GLU B 154 1.66 2.42 10.03
CA GLU B 154 2.89 1.80 10.52
C GLU B 154 3.98 2.86 10.67
N ARG B 155 4.06 3.75 9.67
CA ARG B 155 5.06 4.82 9.73
C ARG B 155 4.82 5.73 10.93
N TRP B 156 3.55 5.91 11.30
CA TRP B 156 3.22 6.75 12.46
C TRP B 156 3.79 6.02 13.70
N ARG B 157 3.56 4.71 13.78
CA ARG B 157 4.09 3.93 14.89
C ARG B 157 5.62 4.04 14.94
N ALA B 158 6.28 3.92 13.78
CA ALA B 158 7.73 4.04 13.73
C ALA B 158 8.15 5.42 14.26
N PHE B 159 7.51 6.49 13.80
CA PHE B 159 7.83 7.84 14.29
C PHE B 159 7.56 7.94 15.81
N ALA B 160 6.42 7.42 16.25
CA ALA B 160 6.09 7.46 17.68
C ALA B 160 7.20 6.76 18.47
N ALA B 161 7.70 5.65 17.92
CA ALA B 161 8.77 4.90 18.57
C ALA B 161 10.04 5.77 18.54
N GLU B 162 10.27 6.45 17.42
CA GLU B 162 11.43 7.32 17.33
C GLU B 162 11.40 8.42 18.39
N GLU B 163 10.21 8.78 18.88
CA GLU B 163 10.12 9.83 19.90
C GLU B 163 10.17 9.27 21.32
N GLY B 164 10.35 7.96 21.43
CA GLY B 164 10.43 7.33 22.74
C GLY B 164 9.06 6.94 23.24
N PHE B 165 8.09 6.81 22.33
CA PHE B 165 6.74 6.45 22.72
C PHE B 165 6.21 5.32 21.84
N PRO B 166 6.85 4.13 21.93
CA PRO B 166 6.46 2.96 21.14
C PRO B 166 5.09 2.43 21.57
N VAL B 167 4.32 1.96 20.59
CA VAL B 167 2.99 1.42 20.84
C VAL B 167 2.92 0.00 20.25
N GLU B 168 1.99 -0.82 20.75
CA GLU B 168 1.89 -2.20 20.29
C GLU B 168 1.28 -2.42 18.89
N ARG B 169 1.70 -3.53 18.27
CA ARG B 169 1.24 -3.94 16.95
C ARG B 169 0.27 -5.11 17.11
N GLY B 170 -0.79 -5.13 16.29
CA GLY B 170 -1.76 -6.21 16.32
C GLY B 170 -2.32 -6.63 17.68
N LEU B 171 -2.59 -5.66 18.55
CA LEU B 171 -3.12 -5.95 19.87
C LEU B 171 -4.49 -6.61 19.81
N HIS B 172 -5.36 -6.11 18.92
CA HIS B 172 -6.69 -6.69 18.81
C HIS B 172 -6.58 -8.15 18.40
N ALA B 173 -5.75 -8.42 17.40
CA ALA B 173 -5.54 -9.79 16.92
C ALA B 173 -5.06 -10.70 18.07
N LYS B 174 -4.12 -10.22 18.89
CA LYS B 174 -3.61 -11.01 20.01
C LYS B 174 -4.74 -11.35 20.99
N ARG B 175 -5.52 -10.34 21.36
CA ARG B 175 -6.65 -10.51 22.28
C ARG B 175 -7.68 -11.48 21.76
N LEU B 176 -8.02 -11.38 20.48
CA LEU B 176 -9.00 -12.27 19.88
C LEU B 176 -8.55 -13.72 20.07
N LYS B 177 -7.26 -13.96 19.89
CA LYS B 177 -6.71 -15.31 20.03
C LYS B 177 -6.76 -15.85 21.45
N GLU B 178 -6.52 -15.00 22.45
CA GLU B 178 -6.57 -15.43 23.84
C GLU B 178 -8.01 -15.77 24.24
N VAL B 179 -8.96 -14.97 23.75
CA VAL B 179 -10.37 -15.20 24.03
C VAL B 179 -10.85 -16.52 23.38
N GLU B 180 -10.41 -16.80 22.16
CA GLU B 180 -10.80 -18.05 21.49
C GLU B 180 -10.35 -19.24 22.34
N GLU B 181 -9.13 -19.14 22.86
CA GLU B 181 -8.59 -20.23 23.66
C GLU B 181 -9.42 -20.42 24.90
N ALA B 182 -9.85 -19.31 25.51
CA ALA B 182 -10.69 -19.40 26.71
C ALA B 182 -12.06 -20.00 26.36
N LEU B 183 -12.60 -19.57 25.23
CA LEU B 183 -13.89 -20.08 24.76
C LEU B 183 -13.86 -21.61 24.55
N ARG B 184 -12.76 -22.11 23.97
CA ARG B 184 -12.64 -23.55 23.74
C ARG B 184 -12.55 -24.24 25.10
N ARG B 185 -11.72 -23.68 25.97
CA ARG B 185 -11.52 -24.25 27.30
C ARG B 185 -12.86 -24.32 28.06
N LEU B 186 -13.74 -23.37 27.79
CA LEU B 186 -15.05 -23.32 28.44
C LEU B 186 -16.12 -24.21 27.77
N GLY B 187 -15.76 -24.83 26.66
CA GLY B 187 -16.67 -25.70 25.96
C GLY B 187 -17.65 -25.03 25.00
N LEU B 188 -17.37 -23.81 24.57
CA LEU B 188 -18.30 -23.12 23.66
C LEU B 188 -18.02 -23.27 22.17
N LYS B 189 -16.99 -24.04 21.83
CA LYS B 189 -16.64 -24.35 20.44
C LYS B 189 -16.79 -23.18 19.47
N PRO B 190 -15.91 -22.18 19.57
CA PRO B 190 -16.04 -21.05 18.64
C PRO B 190 -15.81 -21.44 17.17
N ARG B 191 -16.62 -20.86 16.29
CA ARG B 191 -16.53 -21.10 14.85
C ARG B 191 -16.49 -19.73 14.19
N THR B 192 -15.49 -19.52 13.35
CA THR B 192 -15.32 -18.22 12.69
C THR B 192 -15.56 -18.32 11.19
N ARG B 193 -16.27 -17.33 10.63
CA ARG B 193 -16.51 -17.34 9.20
C ARG B 193 -16.60 -15.90 8.70
N GLU B 194 -16.19 -15.71 7.46
CA GLU B 194 -16.23 -14.39 6.82
C GLU B 194 -17.69 -14.20 6.41
N VAL B 195 -18.32 -13.14 6.88
CA VAL B 195 -19.71 -12.90 6.53
C VAL B 195 -19.90 -11.75 5.54
N ALA B 196 -18.84 -10.98 5.31
CA ALA B 196 -18.94 -9.87 4.39
C ALA B 196 -17.57 -9.57 3.80
N ARG B 197 -17.55 -9.18 2.53
CA ARG B 197 -16.30 -8.85 1.87
C ARG B 197 -16.61 -7.72 0.90
N TRP B 198 -15.87 -6.62 1.00
CA TRP B 198 -16.09 -5.45 0.13
C TRP B 198 -14.84 -4.63 -0.16
N ARG B 199 -14.98 -3.64 -1.04
CA ARG B 199 -13.88 -2.76 -1.40
C ARG B 199 -14.25 -1.28 -1.31
N GLU B 200 -13.37 -0.50 -0.69
CA GLU B 200 -13.59 0.93 -0.62
C GLU B 200 -12.36 1.64 -1.17
N GLU B 201 -12.44 2.95 -1.24
CA GLU B 201 -11.34 3.76 -1.73
C GLU B 201 -11.03 4.75 -0.63
N ARG B 202 -9.76 4.93 -0.32
CA ARG B 202 -9.32 5.85 0.72
C ARG B 202 -8.26 6.75 0.10
N THR B 203 -8.12 7.99 0.57
CA THR B 203 -7.08 8.82 0.04
C THR B 203 -6.03 8.94 1.15
N PRO B 204 -4.79 9.29 0.77
CA PRO B 204 -3.79 9.42 1.82
C PRO B 204 -4.21 10.52 2.83
N ARG B 205 -4.90 11.57 2.36
CA ARG B 205 -5.33 12.65 3.26
C ARG B 205 -6.29 12.09 4.31
N GLU B 206 -7.20 11.25 3.85
CA GLU B 206 -8.18 10.64 4.72
C GLU B 206 -7.49 9.77 5.79
N ALA B 207 -6.51 8.96 5.39
CA ALA B 207 -5.81 8.08 6.35
C ALA B 207 -5.02 8.94 7.33
N LEU B 208 -4.39 10.00 6.83
CA LEU B 208 -3.62 10.92 7.69
C LEU B 208 -4.50 11.65 8.72
N GLU B 209 -5.64 12.15 8.29
CA GLU B 209 -6.54 12.85 9.19
C GLU B 209 -7.08 11.94 10.29
N ALA B 210 -7.34 10.67 9.97
CA ALA B 210 -7.82 9.73 11.01
C ALA B 210 -6.72 9.60 12.09
N LEU B 211 -5.47 9.59 11.66
CA LEU B 211 -4.35 9.51 12.61
C LEU B 211 -4.27 10.82 13.39
N SER B 212 -4.44 11.94 12.69
CA SER B 212 -4.38 13.24 13.31
C SER B 212 -5.40 13.36 14.44
N GLU B 213 -6.62 12.87 14.19
CA GLU B 213 -7.75 12.88 15.14
C GLU B 213 -7.57 11.86 16.27
N ARG B 214 -6.60 10.97 16.10
CA ARG B 214 -6.32 9.93 17.08
C ARG B 214 -7.55 9.04 17.22
N LEU B 215 -8.10 8.65 16.07
CA LEU B 215 -9.28 7.79 16.02
C LEU B 215 -9.03 6.38 16.52
N TYR B 216 -7.81 5.91 16.37
CA TYR B 216 -7.44 4.55 16.74
C TYR B 216 -6.85 4.46 18.14
N SER B 217 -7.23 3.41 18.86
CA SER B 217 -6.72 3.23 20.21
C SER B 217 -5.17 3.31 20.22
N PHE B 218 -4.50 2.77 19.21
CA PHE B 218 -3.05 2.80 19.21
C PHE B 218 -2.38 4.18 19.13
N THR B 219 -3.16 5.21 18.81
CA THR B 219 -2.62 6.58 18.73
C THR B 219 -2.96 7.40 19.96
N GLN B 220 -3.69 6.82 20.90
CA GLN B 220 -4.13 7.57 22.08
C GLN B 220 -3.27 7.56 23.34
N GLY B 221 -2.04 7.04 23.24
CA GLY B 221 -1.18 6.99 24.41
C GLY B 221 -0.27 8.20 24.63
N LEU B 222 0.39 8.65 23.57
CA LEU B 222 1.31 9.79 23.60
C LEU B 222 0.72 11.09 24.11
N PRO B 223 1.60 12.05 24.46
CA PRO B 223 1.20 13.37 24.95
C PRO B 223 0.91 14.19 23.68
N GLU B 224 -0.20 14.94 23.67
CA GLU B 224 -0.57 15.73 22.49
C GLU B 224 0.61 16.42 21.80
N PRO B 225 1.56 16.99 22.56
CA PRO B 225 2.70 17.66 21.90
C PRO B 225 3.55 16.69 21.07
N VAL B 226 3.75 15.48 21.57
CA VAL B 226 4.54 14.47 20.87
C VAL B 226 3.77 14.02 19.63
N HIS B 227 2.47 13.81 19.80
CA HIS B 227 1.61 13.41 18.70
C HIS B 227 1.75 14.45 17.59
N ALA B 228 1.62 15.73 17.97
CA ALA B 228 1.73 16.81 17.01
C ALA B 228 3.04 16.73 16.23
N ARG B 229 4.14 16.45 16.92
CA ARG B 229 5.41 16.35 16.21
C ARG B 229 5.45 15.12 15.30
N VAL B 230 4.82 14.04 15.76
CA VAL B 230 4.77 12.81 14.96
C VAL B 230 3.97 13.10 13.68
N MSE B 231 2.88 13.85 13.80
CA MSE B 231 2.06 14.19 12.65
C MSE B 231 2.82 15.09 11.68
O MSE B 231 2.66 14.97 10.46
CB MSE B 231 0.78 14.90 13.07
CG MSE B 231 -0.25 14.00 13.78
SE MSE B 231 -0.66 12.34 12.83
CE MSE B 231 -1.22 13.08 11.13
N GLU B 232 3.62 16.01 12.21
CA GLU B 232 4.41 16.91 11.37
C GLU B 232 5.30 16.08 10.43
N ARG B 233 6.06 15.16 11.02
CA ARG B 233 6.97 14.33 10.25
C ARG B 233 6.24 13.43 9.27
N LEU B 234 5.14 12.81 9.72
CA LEU B 234 4.38 11.92 8.86
C LEU B 234 3.82 12.68 7.66
N TRP B 235 3.23 13.86 7.91
CA TRP B 235 2.68 14.63 6.80
C TRP B 235 3.78 14.93 5.79
N ALA B 236 4.96 15.29 6.30
CA ALA B 236 6.11 15.60 5.46
C ALA B 236 6.55 14.37 4.67
N TRP B 237 6.63 13.23 5.36
CA TRP B 237 7.03 11.96 4.74
C TRP B 237 6.04 11.55 3.63
N ALA B 238 4.75 11.74 3.90
CA ALA B 238 3.69 11.41 2.95
C ALA B 238 3.76 12.26 1.68
N GLU B 239 4.00 13.56 1.84
CA GLU B 239 4.07 14.42 0.66
C GLU B 239 5.24 14.04 -0.24
N ALA B 240 6.35 13.67 0.37
CA ALA B 240 7.54 13.30 -0.37
C ALA B 240 7.40 11.95 -1.07
N GLU B 241 6.78 10.99 -0.37
CA GLU B 241 6.64 9.65 -0.90
C GLU B 241 5.37 9.31 -1.65
N LEU B 242 4.28 10.06 -1.46
CA LEU B 242 3.03 9.75 -2.15
C LEU B 242 2.54 10.71 -3.24
N GLY B 243 3.08 11.92 -3.27
CA GLY B 243 2.61 12.83 -4.29
C GLY B 243 1.22 13.37 -3.98
N ASP B 244 0.23 13.00 -4.79
CA ASP B 244 -1.15 13.48 -4.64
C ASP B 244 -1.91 12.86 -3.45
N LEU B 245 -1.99 13.60 -2.35
CA LEU B 245 -2.66 13.14 -1.13
C LEU B 245 -4.17 12.98 -1.26
N ASP B 246 -4.72 13.43 -2.39
CA ASP B 246 -6.15 13.32 -2.65
C ASP B 246 -6.50 12.22 -3.64
N ARG B 247 -5.48 11.47 -4.07
CA ARG B 247 -5.72 10.36 -5.00
C ARG B 247 -6.20 9.13 -4.23
N PRO B 248 -7.35 8.56 -4.62
CA PRO B 248 -7.79 7.38 -3.89
C PRO B 248 -7.07 6.08 -4.26
N PHE B 249 -6.95 5.18 -3.29
CA PHE B 249 -6.36 3.88 -3.52
C PHE B 249 -7.34 2.87 -2.89
N PRO B 250 -7.31 1.63 -3.37
CA PRO B 250 -8.26 0.68 -2.78
C PRO B 250 -7.90 0.08 -1.44
N VAL B 251 -8.94 -0.26 -0.68
CA VAL B 251 -8.78 -0.92 0.62
C VAL B 251 -9.72 -2.12 0.57
N GLU B 252 -9.15 -3.32 0.57
CA GLU B 252 -9.89 -4.57 0.51
C GLU B 252 -10.27 -4.97 1.94
N LYS B 253 -11.57 -5.11 2.20
CA LYS B 253 -12.01 -5.47 3.55
C LYS B 253 -12.92 -6.68 3.69
N ARG B 254 -12.99 -7.19 4.91
CA ARG B 254 -13.89 -8.28 5.18
C ARG B 254 -14.32 -8.17 6.64
N PHE B 255 -15.43 -8.80 6.97
CA PHE B 255 -15.91 -8.77 8.34
C PHE B 255 -16.05 -10.23 8.74
N LEU B 256 -15.45 -10.59 9.87
CA LEU B 256 -15.51 -11.97 10.34
C LEU B 256 -16.46 -12.04 11.53
N LEU B 257 -17.15 -13.17 11.66
CA LEU B 257 -18.06 -13.36 12.80
C LEU B 257 -17.69 -14.69 13.46
N ARG B 258 -17.38 -14.63 14.74
CA ARG B 258 -17.03 -15.82 15.51
C ARG B 258 -18.19 -16.03 16.48
N VAL B 259 -18.82 -17.18 16.33
CA VAL B 259 -19.99 -17.55 17.11
C VAL B 259 -19.65 -18.68 18.03
N SER B 260 -19.92 -18.48 19.32
CA SER B 260 -19.67 -19.50 20.34
C SER B 260 -21.02 -19.75 21.02
N ARG B 261 -21.39 -21.01 21.19
CA ARG B 261 -22.69 -21.31 21.81
C ARG B 261 -22.61 -22.12 23.10
N LEU B 262 -23.41 -21.71 24.09
CA LEU B 262 -23.44 -22.39 25.39
C LEU B 262 -24.17 -23.70 25.25
#